data_1LHZ
#
_entry.id   1LHZ
#
_cell.length_a   48.940
_cell.length_b   85.170
_cell.length_c   114.050
_cell.angle_alpha   90.00
_cell.angle_beta   90.00
_cell.angle_gamma   90.00
#
_symmetry.space_group_name_H-M   'P 21 21 21'
#
loop_
_entity.id
_entity.type
_entity.pdbx_description
1 polymer 'IMMUNOGLOBULIN LAMBDA LIGHT CHAIN'
2 water water
#
_entity_poly.entity_id   1
_entity_poly.type   'polypeptide(L)'
_entity_poly.pdbx_seq_one_letter_code
;(PCA)TALTQPASVSGSPGQSITVSCTGVSSIVGSYNLVSWYQQHPGKAPKLLTYEVNKRPSGVSDRFSGSKSGNSASLT
ISGLQAEDEADYYCSSYDGSSTSVVFGGGTKLTVLGQPKAAPSVTLFPPSSEELQANKATLVCLISDFYPGAVTVAWKAD
SSPVKAGVETTKPSKQSNNKYAASSYLSLTPEQWKSHRSYSCQVTHEGSTVEKTVAPTAC
;
_entity_poly.pdbx_strand_id   A,B
#
# COMPACT_ATOMS: atom_id res chain seq x y z
N THR A 2 6.89 -3.59 27.01
CA THR A 2 7.81 -4.70 26.92
C THR A 2 7.71 -5.34 25.53
N ALA A 3 8.87 -5.71 24.99
CA ALA A 3 8.97 -6.29 23.69
C ALA A 3 10.13 -7.27 23.70
N LEU A 4 10.20 -8.13 22.65
CA LEU A 4 11.32 -9.05 22.49
C LEU A 4 12.34 -8.17 21.75
N THR A 5 13.62 -8.48 21.92
CA THR A 5 14.68 -7.65 21.33
C THR A 5 15.11 -8.08 19.95
N GLN A 6 14.97 -7.19 18.97
CA GLN A 6 15.36 -7.53 17.60
C GLN A 6 16.20 -6.41 17.11
N PRO A 7 17.09 -6.69 16.16
CA PRO A 7 17.88 -5.56 15.68
C PRO A 7 16.90 -4.75 14.83
N ALA A 8 17.12 -3.43 14.81
CA ALA A 8 16.29 -2.50 14.07
C ALA A 8 16.27 -2.72 12.55
N SER A 9 17.43 -3.02 12.00
CA SER A 9 17.50 -3.27 10.56
C SER A 9 18.64 -4.18 10.14
N VAL A 10 18.44 -4.81 8.98
CA VAL A 10 19.42 -5.72 8.40
C VAL A 10 19.29 -5.51 6.90
N SER A 11 20.34 -5.83 6.17
CA SER A 11 20.28 -5.69 4.72
C SER A 11 21.21 -6.73 4.08
N GLY A 12 20.97 -7.02 2.81
CA GLY A 12 21.80 -7.97 2.10
C GLY A 12 21.43 -7.84 0.64
N SER A 13 22.17 -8.56 -0.21
CA SER A 13 21.98 -8.55 -1.65
C SER A 13 21.26 -9.79 -2.07
N PRO A 14 20.71 -9.78 -3.28
CA PRO A 14 19.98 -10.95 -3.79
C PRO A 14 20.85 -12.20 -3.76
N GLY A 15 20.26 -13.31 -3.36
CA GLY A 15 21.05 -14.51 -3.31
C GLY A 15 21.69 -14.75 -1.94
N GLN A 16 21.89 -13.70 -1.12
CA GLN A 16 22.50 -13.89 0.21
C GLN A 16 21.52 -14.43 1.24
N SER A 17 22.03 -14.69 2.43
CA SER A 17 21.17 -15.18 3.52
C SER A 17 21.25 -14.18 4.69
N ILE A 18 20.11 -13.99 5.37
CA ILE A 18 20.06 -13.08 6.50
C ILE A 18 19.46 -13.79 7.71
N THR A 19 20.08 -13.63 8.87
CA THR A 19 19.56 -14.22 10.09
C THR A 19 19.16 -13.03 10.97
N VAL A 20 17.94 -13.07 11.50
CA VAL A 20 17.40 -12.02 12.36
C VAL A 20 17.18 -12.71 13.73
N SER A 21 17.79 -12.17 14.78
CA SER A 21 17.69 -12.74 16.12
C SER A 21 16.56 -12.07 16.89
N CYS A 22 16.05 -12.74 17.91
CA CYS A 22 14.93 -12.25 18.70
C CYS A 22 15.26 -12.74 20.13
N THR A 23 15.67 -11.86 21.02
CA THR A 23 16.07 -12.27 22.37
C THR A 23 15.00 -12.00 23.41
N GLY A 24 15.03 -12.75 24.53
CA GLY A 24 14.08 -12.56 25.63
C GLY A 24 12.89 -13.48 25.54
N VAL A 25 13.06 -14.42 24.63
CA VAL A 25 12.09 -15.40 24.25
C VAL A 25 11.80 -16.47 25.29
N SER A 26 12.78 -16.84 26.09
CA SER A 26 12.52 -17.89 27.07
C SER A 26 11.30 -17.57 27.92
N SER A 27 10.37 -18.52 28.01
CA SER A 27 9.17 -18.33 28.82
C SER A 27 9.57 -18.41 30.29
N ILE A 28 8.67 -18.06 31.19
CA ILE A 28 8.99 -18.09 32.61
C ILE A 28 8.31 -19.22 33.37
N VAL A 29 7.47 -20.00 32.67
CA VAL A 29 6.77 -21.11 33.29
C VAL A 29 7.04 -22.42 32.55
N GLY A 30 6.14 -22.79 31.65
CA GLY A 30 6.32 -24.02 30.89
C GLY A 30 7.33 -23.83 29.78
N SER A 31 8.06 -24.88 29.44
CA SER A 31 9.06 -24.78 28.36
C SER A 31 8.32 -24.47 27.08
N TYR A 32 8.06 -23.20 26.87
CA TYR A 32 7.34 -22.79 25.68
C TYR A 32 8.19 -22.55 24.47
N ASN A 33 8.09 -23.48 23.53
CA ASN A 33 8.77 -23.32 22.27
C ASN A 33 7.66 -22.82 21.36
N LEU A 34 7.02 -21.76 21.84
CA LEU A 34 5.96 -21.11 21.11
C LEU A 34 6.47 -19.76 20.60
N VAL A 35 7.32 -19.81 19.59
CA VAL A 35 7.90 -18.63 18.97
C VAL A 35 7.38 -18.62 17.57
N SER A 36 6.90 -17.47 17.12
CA SER A 36 6.38 -17.33 15.77
C SER A 36 7.03 -16.12 15.14
N TRP A 37 7.15 -16.12 13.82
CA TRP A 37 7.73 -14.99 13.06
C TRP A 37 6.70 -14.54 12.05
N TYR A 38 6.59 -13.22 11.87
CA TYR A 38 5.65 -12.66 10.92
C TYR A 38 6.40 -11.78 9.97
N GLN A 39 5.86 -11.63 8.75
CA GLN A 39 6.40 -10.76 7.74
C GLN A 39 5.33 -9.68 7.49
N GLN A 40 5.72 -8.42 7.40
CA GLN A 40 4.71 -7.44 7.11
C GLN A 40 5.13 -6.51 5.99
N HIS A 41 4.39 -6.53 4.89
CA HIS A 41 4.64 -5.61 3.77
C HIS A 41 3.83 -4.33 4.01
N PRO A 42 4.32 -3.16 3.53
CA PRO A 42 3.59 -1.89 3.74
C PRO A 42 2.10 -2.00 3.37
N GLY A 43 1.25 -1.48 4.26
CA GLY A 43 -0.18 -1.52 4.02
C GLY A 43 -0.89 -2.88 4.11
N LYS A 44 -0.20 -3.92 4.53
CA LYS A 44 -0.84 -5.23 4.60
C LYS A 44 -0.77 -5.76 6.00
N ALA A 45 -1.61 -6.72 6.33
CA ALA A 45 -1.57 -7.30 7.66
C ALA A 45 -0.36 -8.21 7.81
N PRO A 46 0.13 -8.37 9.05
CA PRO A 46 1.28 -9.24 9.28
C PRO A 46 0.92 -10.65 8.80
N LYS A 47 1.85 -11.31 8.13
CA LYS A 47 1.58 -12.67 7.66
C LYS A 47 2.45 -13.65 8.45
N LEU A 48 1.85 -14.75 8.87
CA LEU A 48 2.59 -15.75 9.62
C LEU A 48 3.60 -16.50 8.74
N LEU A 49 4.88 -16.50 9.11
CA LEU A 49 5.92 -17.23 8.34
C LEU A 49 6.27 -18.56 8.98
N THR A 50 6.41 -18.54 10.30
CA THR A 50 6.75 -19.77 10.99
C THR A 50 6.16 -19.77 12.40
N TYR A 51 5.89 -20.96 12.94
CA TYR A 51 5.31 -21.05 14.23
C TYR A 51 5.92 -22.26 14.99
N GLU A 52 5.71 -22.34 16.30
CA GLU A 52 6.27 -23.42 17.09
C GLU A 52 7.75 -23.60 16.76
N VAL A 53 8.44 -22.46 16.69
CA VAL A 53 9.88 -22.35 16.37
C VAL A 53 10.26 -22.59 14.90
N ASN A 54 9.97 -23.79 14.38
CA ASN A 54 10.37 -24.16 13.01
C ASN A 54 9.30 -24.76 12.06
N LYS A 55 8.02 -24.63 12.36
CA LYS A 55 7.04 -25.15 11.40
C LYS A 55 6.59 -24.05 10.46
N ARG A 56 6.32 -24.39 9.20
CA ARG A 56 5.88 -23.37 8.27
C ARG A 56 4.45 -23.65 7.85
N PRO A 57 3.61 -22.61 7.79
CA PRO A 57 2.24 -22.93 7.37
C PRO A 57 2.34 -23.20 5.88
N SER A 58 1.29 -23.77 5.30
CA SER A 58 1.26 -24.09 3.88
C SER A 58 1.41 -22.85 3.03
N GLY A 59 2.09 -22.97 1.90
CA GLY A 59 2.25 -21.80 1.06
C GLY A 59 3.50 -20.99 1.35
N VAL A 60 4.15 -21.23 2.49
CA VAL A 60 5.37 -20.46 2.77
C VAL A 60 6.61 -21.20 2.31
N SER A 61 7.40 -20.50 1.50
CA SER A 61 8.64 -21.07 0.97
C SER A 61 9.58 -21.62 2.03
N ASP A 62 10.32 -22.67 1.66
CA ASP A 62 11.27 -23.27 2.57
C ASP A 62 12.59 -22.47 2.67
N ARG A 63 12.63 -21.30 2.05
CA ARG A 63 13.77 -20.39 2.12
C ARG A 63 13.74 -19.72 3.52
N PHE A 64 12.61 -19.84 4.21
CA PHE A 64 12.40 -19.27 5.54
C PHE A 64 12.49 -20.39 6.58
N SER A 65 13.42 -20.30 7.52
CA SER A 65 13.47 -21.33 8.55
C SER A 65 13.77 -20.71 9.90
N GLY A 66 13.10 -21.24 10.91
CA GLY A 66 13.32 -20.72 12.22
C GLY A 66 14.06 -21.71 13.07
N SER A 67 14.65 -21.21 14.16
CA SER A 67 15.33 -22.03 15.15
C SER A 67 15.33 -21.31 16.48
N LYS A 68 15.75 -22.03 17.51
CA LYS A 68 15.80 -21.49 18.87
C LYS A 68 16.97 -22.05 19.64
N SER A 69 17.62 -21.18 20.39
CA SER A 69 18.75 -21.56 21.20
C SER A 69 18.72 -20.79 22.53
N GLY A 70 18.22 -21.43 23.57
CA GLY A 70 18.15 -20.79 24.87
C GLY A 70 17.13 -19.66 24.93
N ASN A 71 17.62 -18.49 25.31
CA ASN A 71 16.79 -17.29 25.48
C ASN A 71 16.61 -16.54 24.16
N SER A 72 17.13 -17.15 23.09
CA SER A 72 17.10 -16.54 21.77
C SER A 72 16.50 -17.38 20.66
N ALA A 73 15.79 -16.75 19.72
CA ALA A 73 15.21 -17.44 18.55
C ALA A 73 15.77 -16.72 17.30
N SER A 74 15.71 -17.37 16.14
CA SER A 74 16.22 -16.78 14.92
C SER A 74 15.37 -17.14 13.73
N LEU A 75 15.40 -16.25 12.77
CA LEU A 75 14.72 -16.47 11.52
C LEU A 75 15.80 -16.31 10.45
N THR A 76 16.00 -17.33 9.62
CA THR A 76 17.00 -17.19 8.57
C THR A 76 16.23 -17.22 7.25
N ILE A 77 16.57 -16.28 6.37
CA ILE A 77 16.01 -16.21 5.03
C ILE A 77 17.18 -16.54 4.09
N SER A 78 17.08 -17.66 3.38
CA SER A 78 18.10 -18.11 2.43
C SER A 78 17.71 -17.68 1.05
N GLY A 79 18.68 -17.21 0.27
CA GLY A 79 18.36 -16.82 -1.09
C GLY A 79 17.47 -15.61 -1.20
N LEU A 80 17.99 -14.52 -0.68
CA LEU A 80 17.28 -13.26 -0.64
C LEU A 80 16.77 -12.79 -2.02
N GLN A 81 15.50 -12.41 -2.07
CA GLN A 81 14.83 -11.88 -3.28
C GLN A 81 14.27 -10.47 -2.96
N ALA A 82 14.09 -9.65 -3.99
CA ALA A 82 13.56 -8.31 -3.77
C ALA A 82 12.23 -8.31 -2.99
N GLU A 83 11.38 -9.32 -3.20
CA GLU A 83 10.11 -9.37 -2.49
C GLU A 83 10.23 -9.56 -1.00
N ASP A 84 11.41 -9.93 -0.50
CA ASP A 84 11.59 -10.15 0.94
C ASP A 84 11.74 -8.84 1.69
N GLU A 85 11.91 -7.75 0.96
CA GLU A 85 12.08 -6.44 1.59
C GLU A 85 10.74 -6.18 2.33
N ALA A 86 10.79 -6.03 3.64
CA ALA A 86 9.59 -5.94 4.46
C ALA A 86 10.03 -5.86 5.91
N ASP A 87 9.06 -5.78 6.81
CA ASP A 87 9.35 -5.79 8.23
C ASP A 87 9.05 -7.18 8.79
N TYR A 88 9.90 -7.64 9.71
CA TYR A 88 9.76 -8.92 10.30
C TYR A 88 9.62 -8.80 11.81
N TYR A 89 8.74 -9.61 12.36
CA TYR A 89 8.48 -9.57 13.78
C TYR A 89 8.46 -10.97 14.37
N CYS A 90 9.07 -11.13 15.53
CA CYS A 90 8.95 -12.42 16.23
C CYS A 90 7.95 -12.17 17.35
N SER A 91 7.44 -13.25 17.94
CA SER A 91 6.50 -13.15 19.04
C SER A 91 6.68 -14.42 19.89
N SER A 92 6.31 -14.35 21.16
CA SER A 92 6.49 -15.49 22.01
C SER A 92 5.36 -15.57 23.02
N TYR A 93 4.89 -16.78 23.34
CA TYR A 93 3.81 -16.91 24.33
C TYR A 93 4.34 -16.85 25.77
N ASP A 94 4.96 -15.70 26.09
CA ASP A 94 5.62 -15.33 27.37
C ASP A 94 5.01 -15.81 28.68
N GLY A 95 5.86 -15.79 29.72
CA GLY A 95 5.47 -16.21 31.05
C GLY A 95 4.34 -15.39 31.62
N SER A 96 3.99 -14.29 30.94
CA SER A 96 2.90 -13.42 31.37
C SER A 96 1.63 -14.26 31.23
N SER A 97 1.26 -14.97 32.31
CA SER A 97 0.07 -15.85 32.32
C SER A 97 -0.91 -15.58 31.19
N THR A 98 -0.85 -16.38 30.13
CA THR A 98 -1.73 -16.20 29.00
C THR A 98 -1.53 -14.82 28.40
N SER A 99 -0.35 -14.59 27.81
CA SER A 99 -0.01 -13.31 27.19
C SER A 99 1.11 -13.47 26.14
N VAL A 100 0.94 -12.78 25.02
CA VAL A 100 1.90 -12.85 23.95
C VAL A 100 2.68 -11.56 23.87
N VAL A 101 4.00 -11.67 23.79
CA VAL A 101 4.87 -10.52 23.67
C VAL A 101 5.43 -10.53 22.27
N PHE A 102 5.53 -9.36 21.66
CA PHE A 102 6.04 -9.18 20.32
C PHE A 102 7.39 -8.49 20.33
N GLY A 103 8.11 -8.67 19.23
CA GLY A 103 9.40 -8.03 19.10
C GLY A 103 9.17 -6.64 18.53
N GLY A 104 10.18 -5.79 18.66
CA GLY A 104 10.06 -4.44 18.16
C GLY A 104 10.09 -4.35 16.65
N GLY A 105 10.42 -5.43 15.94
CA GLY A 105 10.41 -5.32 14.48
C GLY A 105 11.79 -5.10 13.84
N THR A 106 12.03 -5.73 12.69
CA THR A 106 13.30 -5.55 11.99
C THR A 106 12.96 -5.23 10.53
N LYS A 107 13.53 -4.17 10.02
CA LYS A 107 13.32 -3.75 8.66
C LYS A 107 14.43 -4.38 7.82
N LEU A 108 14.04 -5.13 6.81
CA LEU A 108 15.00 -5.78 5.94
C LEU A 108 15.05 -5.02 4.62
N THR A 109 16.23 -4.55 4.25
CA THR A 109 16.41 -3.84 2.96
C THR A 109 17.19 -4.73 2.02
N VAL A 110 16.76 -4.92 0.77
CA VAL A 110 17.52 -5.74 -0.18
C VAL A 110 18.36 -4.78 -1.07
N LEU A 111 19.67 -4.68 -0.79
CA LEU A 111 20.57 -3.80 -1.51
C LEU A 111 21.01 -4.43 -2.81
N GLY A 112 21.75 -3.65 -3.59
CA GLY A 112 22.26 -4.17 -4.85
C GLY A 112 21.31 -4.67 -5.92
N GLN A 113 20.08 -4.17 -5.96
CA GLN A 113 19.17 -4.56 -7.02
C GLN A 113 19.64 -3.72 -8.21
N PRO A 114 19.53 -4.25 -9.43
CA PRO A 114 19.97 -3.53 -10.64
C PRO A 114 19.30 -2.18 -10.86
N LYS A 115 20.09 -1.20 -11.30
CA LYS A 115 19.52 0.10 -11.61
C LYS A 115 18.68 -0.09 -12.89
N ALA A 116 17.56 0.62 -12.97
CA ALA A 116 16.69 0.55 -14.14
C ALA A 116 16.30 1.99 -14.52
N ALA A 117 16.62 2.38 -15.75
CA ALA A 117 16.26 3.71 -16.18
C ALA A 117 14.73 3.72 -16.34
N PRO A 118 14.10 4.87 -16.11
CA PRO A 118 12.64 4.91 -16.25
C PRO A 118 12.10 4.92 -17.70
N SER A 119 10.92 4.36 -17.90
CA SER A 119 10.26 4.45 -19.21
C SER A 119 9.39 5.71 -18.99
N VAL A 120 9.48 6.69 -19.88
CA VAL A 120 8.69 7.91 -19.73
C VAL A 120 7.70 8.03 -20.90
N THR A 121 6.41 8.18 -20.59
CA THR A 121 5.39 8.30 -21.62
C THR A 121 4.56 9.53 -21.35
N LEU A 122 4.54 10.43 -22.35
CA LEU A 122 3.83 11.68 -22.21
C LEU A 122 2.51 11.68 -22.97
N PHE A 123 1.43 12.01 -22.28
CA PHE A 123 0.14 12.04 -22.93
C PHE A 123 -0.43 13.43 -23.07
N PRO A 124 -0.88 13.78 -24.28
CA PRO A 124 -1.47 15.11 -24.55
C PRO A 124 -2.96 15.07 -24.11
N PRO A 125 -3.61 16.24 -23.99
CA PRO A 125 -5.03 16.23 -23.57
C PRO A 125 -5.93 15.45 -24.53
N SER A 126 -6.91 14.71 -24.03
CA SER A 126 -7.84 13.99 -24.93
C SER A 126 -8.89 14.92 -25.53
N SER A 127 -9.49 14.49 -26.63
CA SER A 127 -10.53 15.27 -27.29
C SER A 127 -11.67 15.42 -26.30
N GLU A 128 -11.95 14.35 -25.58
CA GLU A 128 -12.99 14.34 -24.55
C GLU A 128 -12.78 15.47 -23.55
N GLU A 129 -11.56 15.60 -23.03
CA GLU A 129 -11.28 16.63 -22.04
C GLU A 129 -11.33 18.03 -22.68
N LEU A 130 -10.82 18.17 -23.88
CA LEU A 130 -10.87 19.48 -24.52
C LEU A 130 -12.32 19.96 -24.65
N GLN A 131 -13.23 19.04 -24.92
CA GLN A 131 -14.63 19.41 -25.05
C GLN A 131 -15.26 19.88 -23.75
N ALA A 132 -14.61 19.62 -22.63
CA ALA A 132 -15.09 20.07 -21.32
C ALA A 132 -14.37 21.35 -20.95
N ASN A 133 -13.69 21.91 -21.94
CA ASN A 133 -12.91 23.15 -21.78
C ASN A 133 -11.79 23.06 -20.73
N LYS A 134 -11.07 21.94 -20.74
CA LYS A 134 -9.96 21.72 -19.82
C LYS A 134 -8.88 20.92 -20.58
N ALA A 135 -7.64 21.04 -20.13
CA ALA A 135 -6.54 20.37 -20.80
C ALA A 135 -5.53 19.89 -19.79
N THR A 136 -5.37 18.59 -19.69
CA THR A 136 -4.41 18.04 -18.74
C THR A 136 -3.42 17.18 -19.50
N LEU A 137 -2.14 17.36 -19.16
CA LEU A 137 -1.05 16.56 -19.72
C LEU A 137 -0.56 15.63 -18.60
N VAL A 138 -0.30 14.38 -18.93
CA VAL A 138 0.24 13.49 -17.91
C VAL A 138 1.53 12.82 -18.45
N CYS A 139 2.56 12.89 -17.61
CA CYS A 139 3.85 12.31 -17.87
C CYS A 139 3.96 11.08 -16.96
N LEU A 140 3.86 9.90 -17.53
CA LEU A 140 3.90 8.66 -16.78
C LEU A 140 5.35 8.16 -16.70
N ILE A 141 5.83 7.92 -15.48
CA ILE A 141 7.19 7.45 -15.30
C ILE A 141 7.14 6.09 -14.64
N SER A 142 7.58 5.05 -15.35
CA SER A 142 7.48 3.72 -14.82
C SER A 142 8.76 2.86 -14.88
N ASP A 143 8.69 1.71 -14.19
CA ASP A 143 9.76 0.72 -14.08
C ASP A 143 11.13 1.28 -13.74
N PHE A 144 11.24 2.20 -12.80
CA PHE A 144 12.57 2.71 -12.47
C PHE A 144 13.04 2.19 -11.13
N TYR A 145 14.34 2.33 -10.88
CA TYR A 145 14.98 1.87 -9.66
C TYR A 145 16.43 2.36 -9.61
N PRO A 146 16.84 3.03 -8.53
CA PRO A 146 16.07 3.35 -7.33
C PRO A 146 14.87 4.26 -7.52
N GLY A 147 14.02 4.28 -6.50
CA GLY A 147 12.80 5.06 -6.52
C GLY A 147 12.86 6.56 -6.30
N ALA A 148 13.89 7.23 -6.81
CA ALA A 148 13.96 8.68 -6.64
C ALA A 148 14.00 9.25 -8.06
N VAL A 149 13.28 10.33 -8.29
CA VAL A 149 13.21 10.85 -9.64
C VAL A 149 12.88 12.33 -9.54
N THR A 150 13.39 13.12 -10.47
CA THR A 150 13.12 14.54 -10.48
C THR A 150 12.40 14.85 -11.79
N VAL A 151 11.30 15.60 -11.72
CA VAL A 151 10.52 15.91 -12.89
C VAL A 151 10.35 17.39 -13.10
N ALA A 152 10.53 17.82 -14.36
CA ALA A 152 10.36 19.22 -14.72
C ALA A 152 9.58 19.33 -16.04
N TRP A 153 8.88 20.44 -16.20
CA TRP A 153 8.09 20.69 -17.40
C TRP A 153 8.52 21.96 -18.12
N LYS A 154 8.36 21.94 -19.44
CA LYS A 154 8.68 23.08 -20.30
C LYS A 154 7.50 23.36 -21.23
N ALA A 155 7.17 24.60 -21.39
CA ALA A 155 6.26 25.08 -22.40
C ALA A 155 7.16 25.67 -23.46
N ASP A 156 7.24 25.03 -24.62
CA ASP A 156 8.26 25.35 -25.63
C ASP A 156 9.60 25.08 -24.91
N SER A 157 10.46 26.09 -24.84
CA SER A 157 11.74 25.88 -24.16
C SER A 157 11.84 26.59 -22.82
N SER A 158 10.73 27.12 -22.32
CA SER A 158 10.73 27.81 -21.03
C SER A 158 10.12 26.94 -19.93
N PRO A 159 10.66 27.09 -18.72
CA PRO A 159 10.23 26.36 -17.52
C PRO A 159 8.78 26.66 -17.15
N VAL A 160 8.02 25.62 -16.80
CA VAL A 160 6.64 25.81 -16.37
C VAL A 160 6.73 25.78 -14.85
N LYS A 161 6.34 26.86 -14.17
CA LYS A 161 6.43 26.88 -12.71
C LYS A 161 5.09 26.93 -11.94
N ALA A 162 4.03 26.44 -12.56
CA ALA A 162 2.74 26.45 -11.92
C ALA A 162 1.81 25.43 -12.53
N GLY A 163 1.00 24.79 -11.69
CA GLY A 163 0.07 23.81 -12.18
C GLY A 163 0.64 22.40 -12.26
N VAL A 164 1.83 22.21 -11.69
CA VAL A 164 2.48 20.90 -11.72
C VAL A 164 2.32 20.12 -10.43
N GLU A 165 1.76 18.93 -10.56
CA GLU A 165 1.60 18.00 -9.44
C GLU A 165 2.35 16.69 -9.81
N THR A 166 3.22 16.22 -8.92
CA THR A 166 3.94 14.98 -9.16
C THR A 166 3.71 14.08 -7.96
N THR A 167 3.33 12.82 -8.18
CA THR A 167 3.08 11.91 -7.07
C THR A 167 4.37 11.27 -6.56
N LYS A 168 4.31 10.73 -5.34
CA LYS A 168 5.46 10.09 -4.73
C LYS A 168 5.62 8.71 -5.35
N PRO A 169 6.84 8.34 -5.71
CA PRO A 169 7.00 7.01 -6.32
C PRO A 169 6.43 5.89 -5.44
N SER A 170 5.82 4.88 -6.06
CA SER A 170 5.32 3.74 -5.29
C SER A 170 5.81 2.47 -5.99
N LYS A 171 6.12 1.45 -5.20
CA LYS A 171 6.62 0.19 -5.76
C LYS A 171 5.46 -0.52 -6.43
N GLN A 172 5.69 -1.14 -7.57
CA GLN A 172 4.58 -1.83 -8.20
C GLN A 172 4.87 -3.31 -8.13
N SER A 173 3.97 -4.11 -8.69
CA SER A 173 4.11 -5.56 -8.64
C SER A 173 5.43 -6.17 -9.15
N ASN A 174 6.20 -5.41 -9.92
CA ASN A 174 7.45 -6.00 -10.41
C ASN A 174 8.66 -5.47 -9.63
N ASN A 175 8.38 -4.91 -8.46
CA ASN A 175 9.41 -4.40 -7.60
C ASN A 175 10.14 -3.19 -8.13
N LYS A 176 9.61 -2.55 -9.17
CA LYS A 176 10.22 -1.32 -9.63
C LYS A 176 9.20 -0.24 -9.27
N TYR A 177 9.56 1.03 -9.41
CA TYR A 177 8.65 2.13 -9.04
C TYR A 177 7.96 2.80 -10.21
N ALA A 178 6.88 3.49 -9.90
CA ALA A 178 6.10 4.25 -10.88
C ALA A 178 5.70 5.54 -10.21
N ALA A 179 5.43 6.54 -11.02
CA ALA A 179 5.03 7.85 -10.54
C ALA A 179 4.43 8.55 -11.77
N SER A 180 3.68 9.61 -11.54
CA SER A 180 3.13 10.35 -12.65
C SER A 180 3.10 11.82 -12.28
N SER A 181 3.32 12.67 -13.26
CA SER A 181 3.29 14.11 -13.04
C SER A 181 2.25 14.61 -14.02
N TYR A 182 1.39 15.51 -13.57
CA TYR A 182 0.38 16.07 -14.46
C TYR A 182 0.40 17.58 -14.40
N LEU A 183 0.08 18.18 -15.52
CA LEU A 183 0.08 19.61 -15.64
C LEU A 183 -1.32 20.01 -16.09
N SER A 184 -1.97 20.88 -15.35
CA SER A 184 -3.33 21.32 -15.74
C SER A 184 -3.19 22.64 -16.45
N LEU A 185 -3.80 22.75 -17.62
CA LEU A 185 -3.75 23.98 -18.42
C LEU A 185 -5.16 24.32 -18.93
N THR A 186 -5.28 25.48 -19.56
CA THR A 186 -6.55 25.85 -20.16
C THR A 186 -6.35 25.41 -21.60
N PRO A 187 -7.43 25.27 -22.36
CA PRO A 187 -7.18 24.85 -23.73
C PRO A 187 -6.41 25.93 -24.49
N GLU A 188 -6.60 27.19 -24.09
CA GLU A 188 -5.92 28.29 -24.77
C GLU A 188 -4.42 28.21 -24.52
N GLN A 189 -4.01 27.86 -23.30
CA GLN A 189 -2.59 27.74 -22.98
C GLN A 189 -1.93 26.62 -23.80
N TRP A 190 -2.62 25.49 -23.90
CA TRP A 190 -2.13 24.33 -24.63
C TRP A 190 -1.92 24.60 -26.11
N LYS A 191 -2.86 25.32 -26.74
CA LYS A 191 -2.76 25.65 -28.16
C LYS A 191 -1.84 26.83 -28.44
N SER A 192 -1.58 27.67 -27.43
CA SER A 192 -0.72 28.81 -27.65
C SER A 192 0.79 28.51 -27.56
N HIS A 193 1.18 27.24 -27.58
CA HIS A 193 2.61 26.89 -27.53
C HIS A 193 2.87 25.85 -28.62
N ARG A 194 4.09 25.76 -29.13
CA ARG A 194 4.36 24.78 -30.15
C ARG A 194 4.52 23.36 -29.61
N SER A 195 4.91 23.23 -28.35
CA SER A 195 5.05 21.92 -27.74
C SER A 195 5.19 22.09 -26.24
N TYR A 196 5.05 21.00 -25.51
CA TYR A 196 5.29 21.00 -24.07
C TYR A 196 6.22 19.81 -23.90
N SER A 197 6.98 19.79 -22.81
CA SER A 197 7.92 18.71 -22.57
C SER A 197 7.97 18.33 -21.09
N CYS A 198 8.23 17.06 -20.87
CA CYS A 198 8.37 16.49 -19.56
C CYS A 198 9.83 16.00 -19.49
N GLN A 199 10.62 16.54 -18.56
CA GLN A 199 12.01 16.07 -18.40
C GLN A 199 12.11 15.24 -17.10
N VAL A 200 12.63 14.04 -17.21
CA VAL A 200 12.77 13.19 -16.04
C VAL A 200 14.27 12.92 -15.81
N THR A 201 14.71 13.11 -14.57
CA THR A 201 16.11 12.93 -14.18
C THR A 201 16.13 11.80 -13.16
N HIS A 202 16.89 10.74 -13.48
CA HIS A 202 17.04 9.56 -12.65
C HIS A 202 18.51 9.19 -12.56
N GLU A 203 19.05 9.22 -11.34
CA GLU A 203 20.46 8.87 -11.12
C GLU A 203 21.37 9.58 -12.10
N GLY A 204 21.25 10.90 -12.16
CA GLY A 204 22.08 11.68 -13.05
C GLY A 204 21.71 11.76 -14.54
N SER A 205 20.99 10.79 -15.06
CA SER A 205 20.63 10.84 -16.48
C SER A 205 19.26 11.47 -16.70
N THR A 206 19.16 12.37 -17.67
CA THR A 206 17.86 12.95 -17.91
C THR A 206 17.31 12.55 -19.26
N VAL A 207 16.03 12.21 -19.24
CA VAL A 207 15.27 11.80 -20.41
C VAL A 207 14.16 12.85 -20.62
N GLU A 208 13.88 13.14 -21.87
CA GLU A 208 12.90 14.17 -22.18
C GLU A 208 11.96 13.69 -23.28
N LYS A 209 10.67 13.90 -23.06
CA LYS A 209 9.67 13.56 -24.07
C LYS A 209 8.92 14.85 -24.38
N THR A 210 8.49 15.00 -25.62
CA THR A 210 7.77 16.20 -26.02
C THR A 210 6.49 15.88 -26.71
N VAL A 211 5.52 16.78 -26.60
CA VAL A 211 4.26 16.55 -27.27
C VAL A 211 3.73 17.88 -27.83
N ALA A 212 3.05 17.82 -28.97
CA ALA A 212 2.50 19.01 -29.63
C ALA A 212 1.03 18.84 -29.99
N PRO A 213 0.27 19.94 -30.00
CA PRO A 213 -1.16 19.89 -30.32
C PRO A 213 -1.37 19.33 -31.73
N THR A 214 -2.47 18.64 -31.96
CA THR A 214 -2.77 18.10 -33.29
C THR A 214 -4.28 18.07 -33.54
N THR B 2 -10.83 -15.17 5.31
CA THR B 2 -9.87 -14.83 6.34
C THR B 2 -10.49 -15.30 7.65
N ALA B 3 -9.62 -15.70 8.57
CA ALA B 3 -10.08 -16.15 9.87
C ALA B 3 -10.78 -14.96 10.54
N LEU B 4 -10.22 -13.75 10.39
CA LEU B 4 -10.81 -12.57 11.01
C LEU B 4 -11.09 -11.55 9.92
N THR B 5 -12.28 -10.95 9.97
CA THR B 5 -12.71 -10.00 8.96
C THR B 5 -13.12 -8.68 9.52
N GLN B 6 -12.59 -7.63 8.92
CA GLN B 6 -12.92 -6.29 9.33
C GLN B 6 -13.08 -5.38 8.11
N PRO B 7 -13.82 -4.29 8.27
CA PRO B 7 -14.05 -3.32 7.18
C PRO B 7 -12.67 -2.78 6.76
N ALA B 8 -12.49 -2.55 5.46
CA ALA B 8 -11.22 -2.03 4.95
C ALA B 8 -10.96 -0.60 5.44
N SER B 9 -12.03 0.18 5.54
CA SER B 9 -11.86 1.54 5.98
C SER B 9 -13.11 2.14 6.59
N VAL B 10 -12.89 3.13 7.45
CA VAL B 10 -13.94 3.89 8.12
C VAL B 10 -13.37 5.28 8.32
N SER B 11 -14.26 6.26 8.51
CA SER B 11 -13.84 7.64 8.73
C SER B 11 -14.86 8.27 9.68
N GLY B 12 -14.43 9.27 10.41
CA GLY B 12 -15.29 9.95 11.34
C GLY B 12 -14.69 11.33 11.53
N SER B 13 -15.46 12.24 12.14
CA SER B 13 -15.01 13.61 12.35
C SER B 13 -14.42 13.76 13.72
N PRO B 14 -13.58 14.77 13.91
CA PRO B 14 -13.00 14.93 15.23
C PRO B 14 -14.11 15.06 16.26
N GLY B 15 -13.89 14.55 17.47
CA GLY B 15 -14.94 14.66 18.45
C GLY B 15 -15.93 13.50 18.47
N GLN B 16 -16.21 12.89 17.34
CA GLN B 16 -17.15 11.80 17.45
C GLN B 16 -16.49 10.53 17.93
N SER B 17 -17.28 9.46 17.93
CA SER B 17 -16.79 8.17 18.32
C SER B 17 -17.22 7.24 17.20
N ILE B 18 -16.39 6.23 16.92
CA ILE B 18 -16.72 5.27 15.89
C ILE B 18 -16.37 3.91 16.45
N THR B 19 -16.94 2.90 15.85
CA THR B 19 -16.76 1.53 16.27
C THR B 19 -16.28 0.68 15.11
N VAL B 20 -15.18 -0.03 15.31
CA VAL B 20 -14.62 -0.88 14.26
C VAL B 20 -14.93 -2.32 14.67
N SER B 21 -15.48 -3.10 13.74
CA SER B 21 -15.84 -4.49 13.99
C SER B 21 -14.88 -5.52 13.41
N CYS B 22 -14.93 -6.72 13.99
CA CYS B 22 -14.09 -7.83 13.61
C CYS B 22 -14.89 -9.10 13.88
N THR B 23 -15.05 -9.91 12.85
CA THR B 23 -15.82 -11.13 12.90
C THR B 23 -14.93 -12.35 12.71
N GLY B 24 -15.34 -13.45 13.35
CA GLY B 24 -14.61 -14.68 13.20
C GLY B 24 -13.97 -15.23 14.45
N VAL B 25 -13.98 -14.47 15.55
CA VAL B 25 -13.34 -14.87 16.77
C VAL B 25 -13.80 -16.19 17.44
N SER B 26 -15.08 -16.55 17.29
CA SER B 26 -15.58 -17.77 17.90
C SER B 26 -15.15 -19.02 17.15
N SER B 27 -14.91 -18.93 15.87
CA SER B 27 -14.51 -20.14 15.14
C SER B 27 -13.00 -20.42 15.21
N ILE B 28 -12.24 -19.54 15.86
CA ILE B 28 -10.81 -19.79 15.98
C ILE B 28 -10.73 -20.67 17.21
N VAL B 29 -10.17 -21.85 17.04
CA VAL B 29 -10.01 -22.83 18.10
C VAL B 29 -9.05 -22.32 19.17
N GLY B 30 -9.45 -22.45 20.44
CA GLY B 30 -8.58 -22.03 21.51
C GLY B 30 -8.40 -20.52 21.68
N SER B 31 -9.26 -19.69 21.07
CA SER B 31 -9.18 -18.23 21.20
C SER B 31 -9.67 -17.68 22.55
N TYR B 32 -10.65 -18.38 23.15
CA TYR B 32 -11.19 -17.99 24.45
C TYR B 32 -11.41 -16.48 24.47
N ASN B 33 -10.75 -15.77 25.36
CA ASN B 33 -10.95 -14.33 25.33
C ASN B 33 -9.63 -13.60 24.92
N LEU B 34 -8.74 -14.28 24.22
CA LEU B 34 -7.47 -13.64 23.79
C LEU B 34 -7.60 -12.79 22.54
N VAL B 35 -8.44 -11.76 22.62
CA VAL B 35 -8.72 -10.87 21.52
C VAL B 35 -8.03 -9.54 21.80
N SER B 36 -7.21 -9.08 20.85
CA SER B 36 -6.49 -7.82 21.05
C SER B 36 -6.65 -6.92 19.86
N TRP B 37 -6.51 -5.62 20.11
CA TRP B 37 -6.54 -4.67 19.01
C TRP B 37 -5.23 -3.95 19.02
N TYR B 38 -4.70 -3.69 17.82
CA TYR B 38 -3.45 -2.98 17.64
C TYR B 38 -3.68 -1.79 16.76
N GLN B 39 -2.89 -0.76 17.00
CA GLN B 39 -2.98 0.46 16.23
C GLN B 39 -1.63 0.57 15.52
N GLN B 40 -1.60 0.97 14.26
CA GLN B 40 -0.31 1.08 13.63
C GLN B 40 -0.22 2.35 12.77
N HIS B 41 0.73 3.21 13.10
CA HIS B 41 1.02 4.42 12.34
C HIS B 41 2.11 4.04 11.33
N PRO B 42 2.12 4.69 10.16
CA PRO B 42 3.13 4.37 9.13
C PRO B 42 4.55 4.38 9.64
N GLY B 43 5.32 3.36 9.24
CA GLY B 43 6.70 3.26 9.66
C GLY B 43 6.94 2.83 11.10
N LYS B 44 5.88 2.52 11.86
CA LYS B 44 6.08 2.11 13.27
C LYS B 44 5.53 0.72 13.56
N ALA B 45 6.02 0.12 14.64
CA ALA B 45 5.55 -1.21 15.06
C ALA B 45 4.08 -1.11 15.50
N PRO B 46 3.36 -2.24 15.52
CA PRO B 46 1.97 -2.09 15.96
C PRO B 46 1.99 -1.78 17.45
N LYS B 47 1.03 -1.00 17.90
CA LYS B 47 0.97 -0.71 19.34
C LYS B 47 -0.29 -1.36 19.91
N LEU B 48 -0.13 -2.10 20.99
CA LEU B 48 -1.24 -2.75 21.65
C LEU B 48 -2.22 -1.73 22.36
N LEU B 49 -3.50 -1.74 21.97
CA LEU B 49 -4.47 -0.84 22.60
C LEU B 49 -5.28 -1.62 23.63
N THR B 50 -5.78 -2.78 23.27
CA THR B 50 -6.55 -3.56 24.24
C THR B 50 -6.22 -5.02 24.10
N TYR B 51 -6.30 -5.76 25.20
CA TYR B 51 -6.06 -7.20 25.21
C TYR B 51 -7.12 -7.83 26.10
N GLU B 52 -7.24 -9.15 26.01
CA GLU B 52 -8.25 -9.91 26.76
C GLU B 52 -9.56 -9.15 26.64
N VAL B 53 -9.87 -8.78 25.40
CA VAL B 53 -11.06 -8.06 25.03
C VAL B 53 -11.14 -6.63 25.51
N ASN B 54 -11.15 -6.45 26.82
CA ASN B 54 -11.31 -5.08 27.35
C ASN B 54 -10.26 -4.51 28.28
N LYS B 55 -9.10 -5.13 28.41
CA LYS B 55 -8.10 -4.55 29.30
C LYS B 55 -7.20 -3.62 28.48
N ARG B 56 -6.77 -2.53 29.11
CA ARG B 56 -5.87 -1.59 28.46
C ARG B 56 -4.50 -1.62 29.11
N PRO B 57 -3.43 -1.57 28.31
CA PRO B 57 -2.09 -1.57 28.91
C PRO B 57 -1.84 -0.15 29.48
N SER B 58 -0.74 -0.01 30.22
CA SER B 58 -0.35 1.23 30.83
C SER B 58 -0.14 2.29 29.76
N GLY B 59 -0.76 3.47 29.92
CA GLY B 59 -0.55 4.50 28.92
C GLY B 59 -1.57 4.58 27.80
N VAL B 60 -2.54 3.66 27.75
CA VAL B 60 -3.51 3.76 26.70
C VAL B 60 -4.70 4.52 27.25
N SER B 61 -5.10 5.56 26.55
CA SER B 61 -6.20 6.38 26.98
C SER B 61 -7.48 5.57 27.15
N ASP B 62 -8.35 6.01 28.06
CA ASP B 62 -9.59 5.30 28.25
C ASP B 62 -10.61 5.71 27.19
N ARG B 63 -10.16 6.43 26.17
CA ARG B 63 -11.03 6.78 25.06
C ARG B 63 -11.24 5.47 24.22
N PHE B 64 -10.30 4.53 24.39
CA PHE B 64 -10.31 3.26 23.66
C PHE B 64 -10.92 2.17 24.54
N SER B 65 -11.88 1.43 24.01
CA SER B 65 -12.46 0.34 24.78
C SER B 65 -12.90 -0.78 23.87
N GLY B 66 -12.71 -2.02 24.31
CA GLY B 66 -13.10 -3.14 23.47
C GLY B 66 -14.23 -3.93 24.04
N SER B 67 -14.89 -4.72 23.19
CA SER B 67 -15.99 -5.55 23.60
C SER B 67 -16.11 -6.73 22.63
N LYS B 68 -16.71 -7.84 23.09
CA LYS B 68 -16.87 -9.05 22.30
C LYS B 68 -18.26 -9.55 22.63
N SER B 69 -19.07 -9.85 21.60
CA SER B 69 -20.42 -10.40 21.79
C SER B 69 -20.51 -11.51 20.74
N GLY B 70 -20.35 -12.75 21.16
CA GLY B 70 -20.42 -13.83 20.18
C GLY B 70 -19.22 -13.96 19.22
N ASN B 71 -19.52 -13.98 17.92
CA ASN B 71 -18.49 -14.11 16.87
C ASN B 71 -17.93 -12.76 16.41
N SER B 72 -18.31 -11.66 17.08
CA SER B 72 -17.80 -10.32 16.76
C SER B 72 -17.10 -9.69 17.94
N ALA B 73 -16.08 -8.91 17.66
CA ALA B 73 -15.35 -8.18 18.69
C ALA B 73 -15.34 -6.77 18.14
N SER B 74 -15.29 -5.79 19.04
CA SER B 74 -15.34 -4.43 18.59
C SER B 74 -14.40 -3.52 19.33
N LEU B 75 -13.94 -2.50 18.61
CA LEU B 75 -13.10 -1.50 19.21
C LEU B 75 -13.87 -0.21 19.05
N THR B 76 -14.13 0.49 20.15
CA THR B 76 -14.84 1.77 20.06
C THR B 76 -13.89 2.87 20.47
N ILE B 77 -13.81 3.91 19.63
CA ILE B 77 -12.97 5.04 19.92
C ILE B 77 -13.85 6.26 20.12
N SER B 78 -13.82 6.84 21.31
CA SER B 78 -14.65 8.02 21.51
C SER B 78 -13.79 9.29 21.48
N GLY B 79 -14.39 10.41 21.10
CA GLY B 79 -13.63 11.64 21.07
C GLY B 79 -12.45 11.54 20.11
N LEU B 80 -12.76 11.16 18.87
CA LEU B 80 -11.76 11.02 17.84
C LEU B 80 -10.84 12.26 17.79
N GLN B 81 -9.54 12.02 17.76
CA GLN B 81 -8.51 13.07 17.65
C GLN B 81 -7.75 12.82 16.33
N ALA B 82 -7.09 13.85 15.79
CA ALA B 82 -6.38 13.70 14.52
C ALA B 82 -5.33 12.60 14.54
N GLU B 83 -4.66 12.47 15.68
CA GLU B 83 -3.62 11.48 15.87
C GLU B 83 -4.12 10.05 15.91
N ASP B 84 -5.43 9.84 15.82
CA ASP B 84 -5.96 8.48 15.88
C ASP B 84 -6.04 7.90 14.47
N GLU B 85 -5.79 8.73 13.46
CA GLU B 85 -5.82 8.27 12.07
C GLU B 85 -4.66 7.26 11.93
N ALA B 86 -4.98 6.03 11.56
CA ALA B 86 -3.96 5.00 11.51
C ALA B 86 -4.60 3.73 11.03
N ASP B 87 -3.84 2.63 11.05
CA ASP B 87 -4.42 1.33 10.68
C ASP B 87 -4.74 0.59 11.97
N TYR B 88 -5.89 -0.07 12.03
CA TYR B 88 -6.26 -0.83 13.22
C TYR B 88 -6.47 -2.30 12.89
N TYR B 89 -5.81 -3.17 13.63
CA TYR B 89 -5.91 -4.60 13.42
C TYR B 89 -6.52 -5.33 14.62
N CYS B 90 -7.57 -6.14 14.42
CA CYS B 90 -7.99 -6.94 15.57
C CYS B 90 -7.18 -8.21 15.39
N SER B 91 -7.07 -9.01 16.43
CA SER B 91 -6.30 -10.22 16.32
C SER B 91 -6.80 -11.14 17.39
N SER B 92 -6.40 -12.37 17.27
CA SER B 92 -6.80 -13.35 18.25
C SER B 92 -5.77 -14.48 18.28
N TYR B 93 -5.64 -15.06 19.44
CA TYR B 93 -4.75 -16.18 19.62
C TYR B 93 -5.39 -17.38 18.90
N ASP B 94 -4.61 -18.13 18.13
CA ASP B 94 -5.13 -19.30 17.44
C ASP B 94 -4.48 -20.55 18.03
N GLY B 95 -5.27 -21.40 18.67
CA GLY B 95 -4.70 -22.61 19.26
C GLY B 95 -4.14 -23.58 18.25
N SER B 96 -4.68 -23.59 17.04
CA SER B 96 -4.21 -24.52 16.02
C SER B 96 -2.74 -24.29 15.65
N SER B 97 -2.28 -23.03 15.63
CA SER B 97 -0.89 -22.78 15.27
C SER B 97 -0.14 -22.14 16.43
N THR B 98 -0.76 -22.10 17.60
CA THR B 98 -0.16 -21.48 18.77
C THR B 98 0.50 -20.13 18.37
N SER B 99 -0.26 -19.32 17.67
CA SER B 99 0.18 -18.02 17.19
C SER B 99 -1.02 -17.08 17.14
N VAL B 100 -0.70 -15.80 17.06
CA VAL B 100 -1.65 -14.75 16.95
C VAL B 100 -1.99 -14.63 15.47
N VAL B 101 -3.28 -14.54 15.18
CA VAL B 101 -3.75 -14.37 13.81
C VAL B 101 -4.30 -12.93 13.74
N PHE B 102 -4.02 -12.22 12.64
CA PHE B 102 -4.49 -10.84 12.49
C PHE B 102 -5.60 -10.68 11.46
N GLY B 103 -6.51 -9.73 11.73
CA GLY B 103 -7.53 -9.41 10.74
C GLY B 103 -6.86 -8.67 9.58
N GLY B 104 -7.61 -8.30 8.55
CA GLY B 104 -7.03 -7.62 7.40
C GLY B 104 -6.63 -6.16 7.58
N GLY B 105 -7.09 -5.55 8.69
CA GLY B 105 -6.78 -4.18 8.94
C GLY B 105 -7.89 -3.21 8.49
N THR B 106 -8.06 -2.14 9.26
CA THR B 106 -9.04 -1.12 8.97
C THR B 106 -8.28 0.18 8.95
N LYS B 107 -8.36 0.88 7.85
CA LYS B 107 -7.71 2.19 7.74
C LYS B 107 -8.74 3.23 8.22
N LEU B 108 -8.43 3.92 9.31
CA LEU B 108 -9.32 4.94 9.85
C LEU B 108 -8.82 6.34 9.48
N THR B 109 -9.69 7.11 8.85
CA THR B 109 -9.37 8.49 8.46
C THR B 109 -10.18 9.41 9.35
N VAL B 110 -9.52 10.38 9.96
CA VAL B 110 -10.18 11.41 10.79
C VAL B 110 -10.41 12.57 9.84
N LEU B 111 -11.64 12.73 9.37
CA LEU B 111 -11.96 13.79 8.41
C LEU B 111 -11.51 15.21 8.82
N GLY B 112 -10.44 15.70 8.21
CA GLY B 112 -9.93 17.04 8.49
C GLY B 112 -10.42 18.10 7.47
N GLN B 113 -11.20 17.66 6.49
CA GLN B 113 -11.75 18.54 5.48
C GLN B 113 -12.91 17.76 4.93
N PRO B 114 -13.72 18.37 4.06
CA PRO B 114 -14.88 17.65 3.51
C PRO B 114 -14.47 16.54 2.55
N LYS B 115 -15.32 15.54 2.40
CA LYS B 115 -15.02 14.44 1.51
C LYS B 115 -15.07 14.94 0.08
N ALA B 116 -14.04 14.63 -0.69
CA ALA B 116 -13.97 15.08 -2.07
C ALA B 116 -13.91 13.91 -3.04
N ALA B 117 -14.88 13.86 -3.94
CA ALA B 117 -14.93 12.79 -4.92
C ALA B 117 -13.80 13.01 -5.94
N PRO B 118 -13.31 11.94 -6.57
CA PRO B 118 -12.24 12.06 -7.55
C PRO B 118 -12.55 12.53 -8.98
N SER B 119 -11.64 13.33 -9.55
CA SER B 119 -11.78 13.73 -10.95
C SER B 119 -11.03 12.56 -11.60
N VAL B 120 -11.60 12.04 -12.67
CA VAL B 120 -11.02 10.92 -13.36
C VAL B 120 -10.90 11.34 -14.82
N THR B 121 -9.68 11.28 -15.34
CA THR B 121 -9.38 11.63 -16.71
C THR B 121 -8.71 10.37 -17.27
N LEU B 122 -9.20 9.86 -18.38
CA LEU B 122 -8.66 8.66 -19.00
C LEU B 122 -8.00 9.07 -20.28
N PHE B 123 -6.80 8.55 -20.49
CA PHE B 123 -6.01 8.86 -21.66
C PHE B 123 -5.77 7.66 -22.54
N PRO B 124 -5.91 7.83 -23.85
CA PRO B 124 -5.69 6.75 -24.78
C PRO B 124 -4.19 6.81 -25.10
N PRO B 125 -3.64 5.76 -25.72
CA PRO B 125 -2.23 5.65 -26.10
C PRO B 125 -1.67 6.83 -26.90
N SER B 126 -0.48 7.32 -26.55
CA SER B 126 0.11 8.43 -27.31
C SER B 126 0.58 7.89 -28.66
N SER B 127 0.48 8.70 -29.70
CA SER B 127 0.91 8.30 -31.04
C SER B 127 2.37 7.85 -31.15
N GLU B 128 3.31 8.57 -30.53
CA GLU B 128 4.70 8.17 -30.64
C GLU B 128 4.96 6.85 -29.95
N GLU B 129 4.00 6.41 -29.14
CA GLU B 129 4.12 5.15 -28.40
C GLU B 129 3.68 3.95 -29.23
N LEU B 130 2.55 4.09 -29.94
CA LEU B 130 2.04 3.04 -30.81
C LEU B 130 3.06 2.82 -31.94
N GLN B 131 3.69 3.92 -32.32
CA GLN B 131 4.72 3.97 -33.36
C GLN B 131 5.89 3.09 -32.98
N ALA B 132 5.93 2.68 -31.71
CA ALA B 132 7.00 1.84 -31.19
C ALA B 132 6.47 0.57 -30.51
N ASN B 133 5.36 0.06 -31.03
CA ASN B 133 4.71 -1.16 -30.56
C ASN B 133 4.43 -1.28 -29.05
N LYS B 134 3.76 -0.28 -28.50
CA LYS B 134 3.36 -0.27 -27.11
C LYS B 134 2.06 0.52 -27.06
N ALA B 135 1.19 0.17 -26.13
CA ALA B 135 -0.08 0.86 -26.01
C ALA B 135 -0.43 0.94 -24.54
N THR B 136 -0.14 2.09 -23.94
CA THR B 136 -0.44 2.23 -22.53
C THR B 136 -1.60 3.18 -22.36
N LEU B 137 -2.55 2.80 -21.53
CA LEU B 137 -3.68 3.65 -21.23
C LEU B 137 -3.44 4.17 -19.80
N VAL B 138 -3.78 5.44 -19.58
CA VAL B 138 -3.59 5.97 -18.25
C VAL B 138 -4.86 6.52 -17.65
N CYS B 139 -5.17 6.12 -16.45
CA CYS B 139 -6.35 6.64 -15.79
C CYS B 139 -5.89 7.52 -14.64
N LEU B 140 -5.97 8.82 -14.82
CA LEU B 140 -5.55 9.76 -13.79
C LEU B 140 -6.72 10.04 -12.80
N ILE B 141 -6.44 9.84 -11.52
CA ILE B 141 -7.41 10.00 -10.43
C ILE B 141 -6.88 11.02 -9.45
N SER B 142 -7.47 12.20 -9.50
CA SER B 142 -7.01 13.26 -8.64
C SER B 142 -8.06 13.97 -7.80
N ASP B 143 -7.55 14.68 -6.79
CA ASP B 143 -8.33 15.50 -5.86
C ASP B 143 -9.36 14.77 -5.03
N PHE B 144 -9.02 13.60 -4.51
CA PHE B 144 -9.98 12.89 -3.71
C PHE B 144 -9.57 12.83 -2.26
N TYR B 145 -10.58 12.66 -1.40
CA TYR B 145 -10.39 12.58 0.03
C TYR B 145 -11.55 11.82 0.67
N PRO B 146 -11.26 10.87 1.56
CA PRO B 146 -9.98 10.37 2.08
C PRO B 146 -9.13 9.74 0.97
N GLY B 147 -7.88 9.48 1.28
CA GLY B 147 -6.98 8.91 0.31
C GLY B 147 -7.08 7.43 0.04
N ALA B 148 -8.21 6.95 -0.46
CA ALA B 148 -8.32 5.52 -0.76
C ALA B 148 -9.35 5.24 -1.83
N VAL B 149 -8.95 4.50 -2.85
CA VAL B 149 -9.84 4.17 -3.94
C VAL B 149 -9.54 2.77 -4.42
N THR B 150 -10.46 2.22 -5.15
CA THR B 150 -10.29 0.94 -5.83
C THR B 150 -10.49 1.20 -7.28
N VAL B 151 -9.75 0.56 -8.15
CA VAL B 151 -9.87 0.85 -9.56
C VAL B 151 -10.08 -0.43 -10.34
N ALA B 152 -11.00 -0.39 -11.31
CA ALA B 152 -11.25 -1.57 -12.14
C ALA B 152 -11.24 -1.19 -13.61
N TRP B 153 -10.71 -2.07 -14.44
CA TRP B 153 -10.69 -1.83 -15.87
C TRP B 153 -11.60 -2.85 -16.60
N LYS B 154 -12.10 -2.41 -17.76
CA LYS B 154 -12.94 -3.25 -18.58
C LYS B 154 -12.58 -3.08 -20.07
N ALA B 155 -12.31 -4.21 -20.72
CA ALA B 155 -11.96 -4.21 -22.14
C ALA B 155 -13.22 -4.76 -22.80
N ASP B 156 -14.08 -3.84 -23.22
CA ASP B 156 -15.35 -4.21 -23.82
C ASP B 156 -16.25 -5.04 -22.91
N SER B 157 -16.80 -4.40 -21.89
CA SER B 157 -17.68 -5.04 -20.91
C SER B 157 -17.04 -6.17 -20.10
N SER B 158 -15.96 -6.75 -20.63
CA SER B 158 -15.26 -7.84 -19.97
C SER B 158 -14.16 -7.32 -19.03
N PRO B 159 -14.31 -7.57 -17.72
CA PRO B 159 -13.33 -7.14 -16.73
C PRO B 159 -11.90 -7.43 -17.16
N VAL B 160 -11.02 -6.44 -17.05
CA VAL B 160 -9.64 -6.64 -17.41
C VAL B 160 -8.92 -7.12 -16.17
N LYS B 161 -8.09 -8.14 -16.35
CA LYS B 161 -7.36 -8.72 -15.25
C LYS B 161 -5.86 -8.38 -15.25
N ALA B 162 -5.12 -8.95 -16.18
CA ALA B 162 -3.68 -8.73 -16.25
C ALA B 162 -3.21 -7.43 -16.92
N GLY B 163 -2.03 -6.97 -16.48
CA GLY B 163 -1.42 -5.77 -17.02
C GLY B 163 -1.78 -4.46 -16.35
N VAL B 164 -2.49 -4.54 -15.24
CA VAL B 164 -2.91 -3.37 -14.50
C VAL B 164 -2.02 -3.03 -13.31
N GLU B 165 -1.64 -1.76 -13.23
CA GLU B 165 -0.84 -1.28 -12.12
C GLU B 165 -1.50 0.02 -11.63
N THR B 166 -1.60 0.16 -10.33
CA THR B 166 -2.18 1.36 -9.76
C THR B 166 -1.19 1.83 -8.71
N THR B 167 -0.90 3.12 -8.64
CA THR B 167 0.03 3.60 -7.63
C THR B 167 -0.68 3.81 -6.31
N LYS B 168 0.07 3.86 -5.22
CA LYS B 168 -0.50 4.10 -3.88
C LYS B 168 -0.82 5.59 -3.87
N PRO B 169 -2.05 5.97 -3.46
CA PRO B 169 -2.48 7.37 -3.40
C PRO B 169 -1.43 8.25 -2.72
N SER B 170 -1.21 9.43 -3.27
CA SER B 170 -0.20 10.35 -2.78
C SER B 170 -0.82 11.71 -2.49
N LYS B 171 -0.40 12.35 -1.41
CA LYS B 171 -0.99 13.65 -1.06
C LYS B 171 -0.39 14.77 -1.90
N GLN B 172 -1.22 15.50 -2.61
CA GLN B 172 -0.72 16.59 -3.43
C GLN B 172 -0.69 17.95 -2.71
N SER B 173 -0.27 19.01 -3.41
CA SER B 173 -0.12 20.33 -2.78
C SER B 173 -1.36 21.01 -2.22
N ASN B 174 -2.53 20.63 -2.74
CA ASN B 174 -3.80 21.19 -2.27
C ASN B 174 -4.36 20.34 -1.11
N ASN B 175 -3.54 19.41 -0.63
CA ASN B 175 -3.90 18.49 0.45
C ASN B 175 -4.94 17.42 0.14
N LYS B 176 -5.16 17.17 -1.14
CA LYS B 176 -6.07 16.11 -1.56
C LYS B 176 -5.13 15.01 -2.15
N TYR B 177 -5.66 13.85 -2.51
CA TYR B 177 -4.86 12.74 -3.02
C TYR B 177 -4.87 12.54 -4.53
N ALA B 178 -3.84 11.92 -5.07
CA ALA B 178 -3.81 11.67 -6.51
C ALA B 178 -3.27 10.26 -6.74
N ALA B 179 -3.64 9.64 -7.84
CA ALA B 179 -3.12 8.32 -8.12
C ALA B 179 -3.34 8.08 -9.58
N SER B 180 -2.69 7.05 -10.10
CA SER B 180 -2.87 6.75 -11.48
C SER B 180 -2.86 5.27 -11.65
N SER B 181 -3.62 4.81 -12.63
CA SER B 181 -3.66 3.40 -12.92
C SER B 181 -3.42 3.33 -14.41
N TYR B 182 -2.42 2.56 -14.81
CA TYR B 182 -2.13 2.42 -16.20
C TYR B 182 -2.30 0.95 -16.58
N LEU B 183 -2.67 0.73 -17.84
CA LEU B 183 -2.88 -0.60 -18.37
C LEU B 183 -1.99 -0.77 -19.58
N SER B 184 -1.09 -1.72 -19.51
CA SER B 184 -0.18 -1.98 -20.61
C SER B 184 -0.71 -3.02 -21.56
N LEU B 185 -0.77 -2.71 -22.84
CA LEU B 185 -1.23 -3.69 -23.81
C LEU B 185 -0.50 -3.56 -25.12
N THR B 186 -0.73 -4.52 -26.01
CA THR B 186 -0.13 -4.52 -27.33
C THR B 186 -1.08 -3.76 -28.23
N PRO B 187 -0.54 -2.96 -29.16
CA PRO B 187 -1.39 -2.19 -30.08
C PRO B 187 -2.51 -3.04 -30.69
N GLU B 188 -2.20 -4.32 -30.89
CA GLU B 188 -3.14 -5.28 -31.45
C GLU B 188 -4.38 -5.36 -30.58
N GLN B 189 -4.21 -5.82 -29.35
CA GLN B 189 -5.36 -5.93 -28.45
C GLN B 189 -5.97 -4.57 -28.14
N TRP B 190 -5.20 -3.51 -28.38
CA TRP B 190 -5.72 -2.15 -28.15
C TRP B 190 -6.81 -1.91 -29.17
N LYS B 191 -6.53 -2.27 -30.42
CA LYS B 191 -7.49 -2.11 -31.50
C LYS B 191 -8.48 -3.27 -31.64
N SER B 192 -8.18 -4.39 -30.99
CA SER B 192 -9.07 -5.55 -31.04
C SER B 192 -10.36 -5.31 -30.22
N HIS B 193 -10.49 -4.15 -29.57
CA HIS B 193 -11.68 -3.85 -28.78
C HIS B 193 -12.32 -2.54 -29.24
N ARG B 194 -13.55 -2.31 -28.80
CA ARG B 194 -14.29 -1.11 -29.19
C ARG B 194 -14.15 0.03 -28.18
N SER B 195 -14.16 -0.30 -26.90
CA SER B 195 -14.03 0.72 -25.86
C SER B 195 -13.23 0.17 -24.67
N TYR B 196 -12.75 1.08 -23.83
CA TYR B 196 -12.01 0.73 -22.62
C TYR B 196 -12.57 1.58 -21.50
N SER B 197 -12.82 0.96 -20.37
CA SER B 197 -13.40 1.70 -19.27
C SER B 197 -12.54 1.67 -18.03
N CYS B 198 -12.48 2.81 -17.36
CA CYS B 198 -11.74 2.93 -16.13
C CYS B 198 -12.79 3.22 -15.05
N GLN B 199 -12.99 2.28 -14.13
CA GLN B 199 -13.98 2.43 -13.06
C GLN B 199 -13.28 2.69 -11.74
N VAL B 200 -13.59 3.81 -11.12
CA VAL B 200 -12.97 4.19 -9.86
C VAL B 200 -14.02 4.23 -8.76
N THR B 201 -13.84 3.41 -7.72
CA THR B 201 -14.77 3.39 -6.61
C THR B 201 -14.16 4.08 -5.38
N HIS B 202 -14.88 5.07 -4.86
CA HIS B 202 -14.45 5.90 -3.75
C HIS B 202 -15.61 6.21 -2.79
N GLU B 203 -15.53 5.73 -1.54
CA GLU B 203 -16.60 5.97 -0.54
C GLU B 203 -17.96 5.53 -1.08
N GLY B 204 -18.05 4.27 -1.48
CA GLY B 204 -19.30 3.72 -1.99
C GLY B 204 -19.76 4.17 -3.37
N SER B 205 -19.35 5.36 -3.78
CA SER B 205 -19.71 5.92 -5.08
C SER B 205 -18.67 5.55 -6.16
N THR B 206 -19.13 5.23 -7.37
CA THR B 206 -18.19 4.87 -8.44
C THR B 206 -18.42 5.61 -9.77
N VAL B 207 -17.34 6.18 -10.31
CA VAL B 207 -17.39 6.93 -11.57
C VAL B 207 -16.73 6.10 -12.67
N GLU B 208 -17.14 6.31 -13.91
CA GLU B 208 -16.58 5.53 -15.01
C GLU B 208 -16.29 6.34 -16.26
N LYS B 209 -15.07 6.24 -16.79
CA LYS B 209 -14.75 6.94 -18.03
C LYS B 209 -14.45 5.85 -19.05
N THR B 210 -14.62 6.21 -20.33
CA THR B 210 -14.37 5.27 -21.42
C THR B 210 -13.70 5.97 -22.59
N VAL B 211 -12.84 5.24 -23.30
CA VAL B 211 -12.17 5.75 -24.49
C VAL B 211 -12.29 4.66 -25.52
N ALA B 212 -12.14 5.04 -26.79
CA ALA B 212 -12.24 4.10 -27.90
C ALA B 212 -11.18 4.49 -28.90
N PRO B 213 -10.64 3.51 -29.64
CA PRO B 213 -9.60 3.87 -30.61
C PRO B 213 -10.22 4.86 -31.60
N THR B 214 -9.42 5.73 -32.19
CA THR B 214 -9.96 6.70 -33.15
C THR B 214 -8.94 7.14 -34.18
#